data_3MXA
#
_entry.id   3MXA
#
_cell.length_a   72.000
_cell.length_b   172.390
_cell.length_c   46.530
_cell.angle_alpha   90.00
_cell.angle_beta   90.00
_cell.angle_gamma   90.00
#
_symmetry.space_group_name_H-M   'P 21 21 2'
#
loop_
_entity.id
_entity.type
_entity.pdbx_description
1 polymer scV3V2(G19S)
2 polymer "DNA (5'-D(*TP*TP*GP*TP*TP*CP*TP*CP*AP*GP*GP*TP*AP*C)-3')"
3 polymer "DNA (5'-D(P*CP*TP*CP*AP*GP*CP*CP*AP*GP*A)-3')"
4 polymer "DNA (5'-D(*TP*CP*TP*GP*GP*CP*TP*GP*AP*GP*GP*TP*AP*C)-3')"
5 polymer "DNA (5'-D(P*CP*TP*GP*AP*GP*AP*AP*CP*AP*A)-3')"
6 non-polymer 'MANGANESE (II) ION'
7 non-polymer ETHANOL
8 non-polymer 'PENTAETHYLENE GLYCOL'
9 water water
#
loop_
_entity_poly.entity_id
_entity_poly.type
_entity_poly.pdbx_seq_one_letter_code
_entity_poly.pdbx_strand_id
1 'polypeptide(L)'
;MANTKYNKEFLLYLAGFVDGDGSIIAQINPNQSSKFKHRLRLTFYVTQKTQRRWFLDKLVDEIGVGYVRDSGSVSQYVLS
EIKPLHNFLTQLQPFLKLKQKQANLVLKIIEQLPSAKESPDKFLEVCTWVDQIAALNDSKTRKTTSETVRAVLDSLSGKK
KSSPAAGGSDKYNQALSKYNQALSKYNQALSGGGGSNKEFLLYLAGFVDSDGSIIAQIKPRQSNKFKHQLSLTFAVTQKT
QRRWFLDKLVDEIGVGYVYDSGSVSDYRLSEIKPLHNFLTQLQPFLKLKQKQANLVLKIIEQLPSAKESPDKFLEVCTWV
DQIAALNDSKTRKTTSETVRAVLDSLSEKKKSSPLEHHHHHH
;
A
2 'polydeoxyribonucleotide' (DT)(DT)(DG)(DT)(DT)(DC)(DT)(DC)(DA)(DG)(DG)(DT)(DA)(DC) C
3 'polydeoxyribonucleotide' (DC)(DT)(DC)(DA)(DG)(DC)(DC)(DA)(DG)(DA) D
4 'polydeoxyribonucleotide' (DT)(DC)(DT)(DG)(DG)(DC)(DT)(DG)(DA)(DG)(DG)(DT)(DA)(DC) E
5 'polydeoxyribonucleotide' (DC)(DT)(DG)(DA)(DG)(DA)(DA)(DC)(DA)(DA) F
#
loop_
_chem_comp.id
_chem_comp.type
_chem_comp.name
_chem_comp.formula
1PE non-polymer 'PENTAETHYLENE GLYCOL' 'C10 H22 O6'
DA DNA linking 2'-DEOXYADENOSINE-5'-MONOPHOSPHATE 'C10 H14 N5 O6 P'
DC DNA linking 2'-DEOXYCYTIDINE-5'-MONOPHOSPHATE 'C9 H14 N3 O7 P'
DG DNA linking 2'-DEOXYGUANOSINE-5'-MONOPHOSPHATE 'C10 H14 N5 O7 P'
DT DNA linking THYMIDINE-5'-MONOPHOSPHATE 'C10 H15 N2 O8 P'
EOH non-polymer ETHANOL 'C2 H6 O'
MN non-polymer 'MANGANESE (II) ION' 'Mn 2'
#
# COMPACT_ATOMS: atom_id res chain seq x y z
N ASN A 3 24.44 -2.76 13.57
CA ASN A 3 23.37 -3.50 12.92
C ASN A 3 22.09 -3.58 13.75
N THR A 4 21.22 -2.58 13.59
CA THR A 4 20.00 -2.56 14.36
C THR A 4 19.02 -3.70 14.03
N LYS A 5 18.50 -4.31 15.09
CA LYS A 5 17.54 -5.41 15.02
C LYS A 5 16.14 -4.83 15.20
N TYR A 6 15.27 -5.06 14.22
CA TYR A 6 13.93 -4.48 14.19
C TYR A 6 12.87 -5.42 14.79
N ASN A 7 11.90 -4.82 15.48
CA ASN A 7 10.80 -5.57 16.05
C ASN A 7 9.95 -6.23 14.96
N LYS A 8 9.44 -7.43 15.24
CA LYS A 8 8.71 -8.20 14.25
C LYS A 8 7.37 -7.55 13.89
N GLU A 9 6.70 -6.94 14.85
CA GLU A 9 5.39 -6.34 14.57
C GLU A 9 5.55 -5.13 13.67
N PHE A 10 6.63 -4.39 13.89
CA PHE A 10 6.98 -3.27 13.03
C PHE A 10 7.23 -3.80 11.61
N LEU A 11 8.05 -4.86 11.49
CA LEU A 11 8.37 -5.47 10.19
C LEU A 11 7.16 -6.06 9.45
N LEU A 12 6.25 -6.68 10.20
CA LEU A 12 5.03 -7.27 9.64
C LEU A 12 4.14 -6.20 8.99
N TYR A 13 3.90 -5.12 9.72
CA TYR A 13 3.07 -4.02 9.20
C TYR A 13 3.75 -3.35 8.01
N LEU A 14 5.06 -3.15 8.13
CA LEU A 14 5.86 -2.48 7.10
C LEU A 14 5.96 -3.30 5.81
N ALA A 15 6.09 -4.62 5.93
CA ALA A 15 6.05 -5.51 4.77
C ALA A 15 4.74 -5.33 4.01
N GLY A 16 3.63 -5.23 4.73
CA GLY A 16 2.35 -4.99 4.07
C GLY A 16 2.34 -3.65 3.34
N PHE A 17 2.82 -2.61 4.01
CA PHE A 17 2.79 -1.27 3.44
C PHE A 17 3.73 -1.18 2.22
N VAL A 18 4.88 -1.83 2.31
CA VAL A 18 5.86 -1.88 1.21
C VAL A 18 5.28 -2.61 0.00
N ASP A 19 4.70 -3.78 0.22
CA ASP A 19 4.05 -4.53 -0.84
C ASP A 19 3.03 -3.65 -1.57
N GLY A 20 2.36 -2.76 -0.84
CA GLY A 20 1.42 -1.83 -1.45
C GLY A 20 2.10 -0.65 -2.13
N ASP A 21 2.76 0.21 -1.35
CA ASP A 21 3.21 1.52 -1.86
C ASP A 21 4.72 1.70 -1.89
N GLY A 22 5.47 0.64 -1.59
CA GLY A 22 6.91 0.75 -1.52
C GLY A 22 7.56 0.27 -2.82
N SER A 23 8.88 0.38 -2.91
CA SER A 23 9.62 -0.06 -4.09
C SER A 23 10.99 -0.58 -3.70
N ILE A 24 11.37 -1.70 -4.32
CA ILE A 24 12.72 -2.20 -4.23
C ILE A 24 13.29 -2.18 -5.65
N ILE A 25 14.27 -1.32 -5.84
CA ILE A 25 14.69 -0.90 -7.17
C ILE A 25 16.19 -1.14 -7.33
N ALA A 26 16.58 -1.61 -8.52
CA ALA A 26 17.97 -1.79 -8.90
C ALA A 26 18.18 -1.11 -10.26
N GLN A 27 19.17 -0.24 -10.34
CA GLN A 27 19.42 0.54 -11.55
C GLN A 27 20.89 0.44 -11.99
N ILE A 28 21.12 0.62 -13.29
CA ILE A 28 22.47 0.68 -13.83
C ILE A 28 22.65 2.07 -14.43
N ASN A 29 23.35 2.94 -13.70
CA ASN A 29 23.57 4.33 -14.15
C ASN A 29 24.74 4.42 -15.11
N PRO A 30 24.50 4.91 -16.34
CA PRO A 30 25.69 5.20 -17.16
C PRO A 30 26.58 6.20 -16.41
N ASN A 31 27.88 5.93 -16.38
CA ASN A 31 28.80 6.77 -15.63
C ASN A 31 30.22 6.63 -16.15
N GLN A 32 30.72 7.68 -16.81
CA GLN A 32 32.03 7.64 -17.43
C GLN A 32 33.19 7.38 -16.45
N SER A 33 33.14 8.02 -15.29
CA SER A 33 34.21 7.89 -14.29
C SER A 33 34.25 6.52 -13.59
N SER A 34 33.24 5.70 -13.82
CA SER A 34 33.20 4.35 -13.26
C SER A 34 34.10 3.38 -14.04
N LYS A 35 34.48 2.29 -13.39
CA LYS A 35 35.40 1.31 -13.97
C LYS A 35 34.87 0.72 -15.27
N PHE A 36 33.63 0.24 -15.24
CA PHE A 36 33.04 -0.35 -16.44
C PHE A 36 32.00 0.57 -17.05
N LYS A 37 32.18 1.87 -16.82
CA LYS A 37 31.37 2.90 -17.45
C LYS A 37 29.91 2.87 -17.00
N HIS A 38 29.65 2.13 -15.92
CA HIS A 38 28.32 2.05 -15.33
C HIS A 38 28.43 1.92 -13.83
N ARG A 39 27.45 2.45 -13.12
CA ARG A 39 27.38 2.31 -11.67
C ARG A 39 26.07 1.67 -11.26
N LEU A 40 26.13 0.69 -10.38
CA LEU A 40 24.92 0.07 -9.83
C LEU A 40 24.33 0.86 -8.65
N ARG A 41 23.02 1.08 -8.71
CA ARG A 41 22.33 1.76 -7.62
C ARG A 41 21.19 0.88 -7.08
N LEU A 42 21.22 0.63 -5.78
CA LEU A 42 20.14 -0.10 -5.09
C LEU A 42 19.42 0.81 -4.10
N THR A 43 18.10 0.95 -4.30
CA THR A 43 17.29 1.87 -3.51
C THR A 43 15.96 1.28 -3.02
N PHE A 44 15.66 1.51 -1.74
CA PHE A 44 14.35 1.20 -1.15
C PHE A 44 13.58 2.50 -0.97
N TYR A 45 12.33 2.52 -1.43
CA TYR A 45 11.49 3.71 -1.36
C TYR A 45 10.18 3.36 -0.70
N VAL A 46 9.61 4.32 0.02
CA VAL A 46 8.19 4.27 0.35
C VAL A 46 7.63 5.61 -0.07
N THR A 47 6.63 5.57 -0.94
CA THR A 47 6.04 6.78 -1.48
C THR A 47 4.74 7.10 -0.77
N GLN A 48 4.49 8.37 -0.49
CA GLN A 48 3.23 8.76 0.12
C GLN A 48 2.99 10.24 -0.07
N LYS A 49 1.72 10.59 -0.28
CA LYS A 49 1.25 11.96 -0.37
C LYS A 49 1.87 12.81 0.74
N THR A 50 2.23 14.05 0.41
CA THR A 50 2.94 14.93 1.33
C THR A 50 2.13 15.31 2.57
N GLN A 51 0.80 15.31 2.44
CA GLN A 51 -0.01 15.60 3.62
C GLN A 51 0.14 14.47 4.67
N ARG A 52 0.69 13.34 4.23
CA ARG A 52 0.98 12.23 5.14
C ARG A 52 2.47 11.95 5.35
N ARG A 53 3.33 12.95 5.12
CA ARG A 53 4.76 12.73 5.28
C ARG A 53 5.21 12.49 6.74
N TRP A 54 4.35 12.80 7.71
CA TRP A 54 4.66 12.44 9.09
C TRP A 54 4.92 10.93 9.16
N PHE A 55 4.16 10.17 8.36
CA PHE A 55 4.31 8.71 8.30
C PHE A 55 5.70 8.30 7.81
N LEU A 56 6.20 9.04 6.83
CA LEU A 56 7.54 8.75 6.28
C LEU A 56 8.64 9.26 7.23
N ASP A 57 8.36 10.37 7.92
CA ASP A 57 9.29 10.90 8.92
C ASP A 57 9.43 9.90 10.08
N LYS A 58 8.32 9.25 10.42
CA LYS A 58 8.36 8.19 11.43
C LYS A 58 9.23 7.03 10.95
N LEU A 59 9.20 6.76 9.65
CA LEU A 59 9.97 5.66 9.06
C LEU A 59 11.47 5.88 9.24
N VAL A 60 11.93 7.10 9.00
CA VAL A 60 13.34 7.45 9.20
C VAL A 60 13.76 7.18 10.64
N ASP A 61 12.91 7.56 11.58
CA ASP A 61 13.19 7.38 12.99
C ASP A 61 13.20 5.89 13.38
N GLU A 62 12.27 5.14 12.82
CA GLU A 62 12.10 3.72 13.14
C GLU A 62 13.18 2.86 12.51
N ILE A 63 13.52 3.16 11.26
CA ILE A 63 14.58 2.42 10.57
C ILE A 63 15.94 2.93 11.05
N GLY A 64 16.02 4.23 11.32
CA GLY A 64 17.21 4.81 11.92
C GLY A 64 18.23 5.30 10.90
N VAL A 65 17.81 5.37 9.64
CA VAL A 65 18.69 5.74 8.55
C VAL A 65 17.80 6.01 7.33
N GLY A 66 18.34 6.68 6.31
CA GLY A 66 17.55 7.07 5.16
C GLY A 66 17.05 8.48 5.35
N TYR A 67 16.19 8.94 4.45
CA TYR A 67 15.72 10.32 4.53
C TYR A 67 14.41 10.49 3.77
N VAL A 68 13.76 11.63 3.98
CA VAL A 68 12.54 11.92 3.28
C VAL A 68 12.81 13.07 2.31
N ARG A 69 12.35 12.92 1.07
CA ARG A 69 12.37 14.02 0.12
C ARG A 69 10.95 14.44 -0.27
N ASP A 70 10.83 15.63 -0.79
CA ASP A 70 9.53 16.18 -1.15
C ASP A 70 9.54 16.54 -2.65
N SER A 71 8.69 15.88 -3.43
CA SER A 71 8.54 16.20 -4.85
C SER A 71 7.19 16.83 -5.14
N GLY A 72 6.96 18.01 -4.59
CA GLY A 72 5.70 18.70 -4.79
C GLY A 72 4.58 18.13 -3.94
N SER A 73 3.59 17.54 -4.59
CA SER A 73 2.42 17.00 -3.90
C SER A 73 2.68 15.65 -3.22
N VAL A 74 3.76 14.98 -3.62
CA VAL A 74 4.11 13.64 -3.11
C VAL A 74 5.50 13.60 -2.44
N SER A 75 5.65 12.76 -1.42
CA SER A 75 6.95 12.60 -0.75
C SER A 75 7.41 11.15 -0.78
N GLN A 76 8.68 10.93 -0.43
CA GLN A 76 9.27 9.60 -0.43
C GLN A 76 10.27 9.40 0.69
N TYR A 77 10.13 8.30 1.41
CA TYR A 77 11.23 7.82 2.23
C TYR A 77 12.17 7.08 1.28
N VAL A 78 13.46 7.36 1.43
CA VAL A 78 14.51 6.79 0.59
C VAL A 78 15.65 6.21 1.43
N LEU A 79 16.07 4.99 1.09
CA LEU A 79 17.19 4.35 1.77
C LEU A 79 18.11 3.75 0.69
N SER A 80 19.33 4.29 0.60
CA SER A 80 20.32 3.93 -0.42
C SER A 80 21.62 3.36 0.13
N GLU A 81 21.96 3.72 1.36
CA GLU A 81 23.20 3.30 1.97
C GLU A 81 23.28 1.77 2.03
N ILE A 82 24.32 1.20 1.42
CA ILE A 82 24.38 -0.24 1.16
C ILE A 82 24.30 -1.15 2.39
N LYS A 83 25.05 -0.81 3.44
CA LYS A 83 25.08 -1.63 4.64
C LYS A 83 23.74 -1.62 5.43
N PRO A 84 23.22 -0.42 5.76
CA PRO A 84 21.91 -0.42 6.40
C PRO A 84 20.83 -1.04 5.52
N LEU A 85 20.93 -0.83 4.20
CA LEU A 85 19.96 -1.39 3.27
C LEU A 85 19.94 -2.91 3.35
N HIS A 86 21.12 -3.52 3.44
CA HIS A 86 21.22 -4.96 3.52
C HIS A 86 20.65 -5.47 4.84
N ASN A 87 21.00 -4.79 5.92
CA ASN A 87 20.50 -5.18 7.24
C ASN A 87 18.98 -5.10 7.27
N PHE A 88 18.44 -3.99 6.75
CA PHE A 88 17.00 -3.78 6.73
C PHE A 88 16.24 -4.82 5.90
N LEU A 89 16.63 -4.99 4.63
CA LEU A 89 15.93 -5.92 3.72
C LEU A 89 16.06 -7.38 4.16
N THR A 90 17.21 -7.75 4.71
CA THR A 90 17.36 -9.08 5.30
C THR A 90 16.24 -9.35 6.33
N GLN A 91 15.89 -8.34 7.11
CA GLN A 91 14.86 -8.54 8.14
C GLN A 91 13.43 -8.41 7.60
N LEU A 92 13.23 -7.53 6.62
CA LEU A 92 11.90 -7.33 6.01
C LEU A 92 11.46 -8.51 5.15
N GLN A 93 12.39 -9.12 4.44
CA GLN A 93 12.02 -10.03 3.34
C GLN A 93 11.23 -11.28 3.71
N PRO A 94 11.39 -11.81 4.94
CA PRO A 94 10.57 -13.02 5.19
C PRO A 94 9.07 -12.71 5.19
N PHE A 95 8.73 -11.43 5.34
CA PHE A 95 7.33 -11.03 5.50
C PHE A 95 6.73 -10.44 4.23
N LEU A 96 7.56 -10.15 3.25
CA LEU A 96 7.10 -9.65 1.97
C LEU A 96 6.39 -10.76 1.20
N LYS A 97 5.34 -10.38 0.46
CA LYS A 97 4.57 -11.31 -0.36
C LYS A 97 4.66 -10.97 -1.84
N LEU A 98 4.71 -9.68 -2.17
CA LEU A 98 4.71 -9.27 -3.58
C LEU A 98 6.09 -8.87 -4.07
N LYS A 99 6.91 -8.38 -3.15
CA LYS A 99 8.20 -7.83 -3.52
C LYS A 99 9.36 -8.62 -2.89
N GLN A 100 9.08 -9.86 -2.50
CA GLN A 100 10.06 -10.69 -1.80
C GLN A 100 11.25 -11.09 -2.68
N LYS A 101 10.95 -11.47 -3.93
CA LYS A 101 12.01 -11.84 -4.88
C LYS A 101 12.93 -10.65 -5.16
N GLN A 102 12.34 -9.48 -5.37
CA GLN A 102 13.13 -8.27 -5.57
C GLN A 102 14.09 -8.08 -4.41
N ALA A 103 13.58 -8.23 -3.19
CA ALA A 103 14.41 -8.02 -1.99
C ALA A 103 15.56 -9.01 -1.98
N ASN A 104 15.22 -10.27 -2.26
CA ASN A 104 16.22 -11.33 -2.31
C ASN A 104 17.30 -11.08 -3.36
N LEU A 105 16.90 -10.61 -4.54
CA LEU A 105 17.83 -10.28 -5.61
C LEU A 105 18.73 -9.08 -5.25
N VAL A 106 18.15 -8.07 -4.59
CA VAL A 106 18.94 -6.92 -4.15
C VAL A 106 19.97 -7.33 -3.10
N LEU A 107 19.63 -8.28 -2.24
CA LEU A 107 20.57 -8.82 -1.27
C LEU A 107 21.69 -9.60 -1.97
N LYS A 108 21.30 -10.47 -2.89
CA LYS A 108 22.25 -11.21 -3.72
C LYS A 108 23.24 -10.23 -4.36
N ILE A 109 22.71 -9.18 -4.96
CA ILE A 109 23.54 -8.17 -5.62
C ILE A 109 24.51 -7.53 -4.63
N ILE A 110 23.99 -7.04 -3.51
CA ILE A 110 24.84 -6.38 -2.52
C ILE A 110 26.00 -7.28 -2.06
N GLU A 111 25.74 -8.59 -1.94
CA GLU A 111 26.74 -9.54 -1.46
C GLU A 111 27.85 -9.80 -2.49
N GLN A 112 27.52 -9.64 -3.78
CA GLN A 112 28.49 -9.86 -4.86
C GLN A 112 29.11 -8.57 -5.37
N LEU A 113 28.81 -7.46 -4.71
CA LEU A 113 29.33 -6.16 -5.11
C LEU A 113 30.86 -6.13 -5.18
N PRO A 114 31.54 -6.53 -4.09
CA PRO A 114 33.01 -6.50 -4.12
C PRO A 114 33.59 -7.26 -5.32
N SER A 115 33.09 -8.46 -5.57
CA SER A 115 33.61 -9.27 -6.65
C SER A 115 33.18 -8.76 -8.02
N ALA A 116 32.01 -8.13 -8.08
CA ALA A 116 31.48 -7.60 -9.33
C ALA A 116 32.21 -6.33 -9.77
N LYS A 117 33.06 -5.80 -8.89
CA LYS A 117 33.81 -4.58 -9.20
C LYS A 117 35.23 -4.90 -9.65
N GLU A 118 35.58 -6.18 -9.61
CA GLU A 118 36.92 -6.63 -10.00
C GLU A 118 36.94 -7.35 -11.34
N SER A 119 35.78 -7.77 -11.83
CA SER A 119 35.71 -8.49 -13.09
C SER A 119 34.57 -8.01 -13.98
N PRO A 120 34.86 -7.81 -15.27
CA PRO A 120 33.82 -7.44 -16.24
C PRO A 120 32.79 -8.55 -16.37
N ASP A 121 33.26 -9.80 -16.41
CA ASP A 121 32.35 -10.93 -16.49
C ASP A 121 31.36 -10.92 -15.35
N LYS A 122 31.88 -10.88 -14.13
CA LYS A 122 31.04 -10.85 -12.95
C LYS A 122 30.08 -9.67 -13.01
N PHE A 123 30.60 -8.49 -13.32
CA PHE A 123 29.78 -7.29 -13.37
C PHE A 123 28.53 -7.49 -14.23
N LEU A 124 28.76 -7.95 -15.46
CA LEU A 124 27.67 -8.19 -16.40
C LEU A 124 26.62 -9.15 -15.83
N GLU A 125 27.09 -10.23 -15.22
CA GLU A 125 26.17 -11.19 -14.64
C GLU A 125 25.31 -10.54 -13.55
N VAL A 126 25.91 -9.68 -12.74
CA VAL A 126 25.20 -9.00 -11.67
C VAL A 126 24.15 -8.07 -12.28
N CYS A 127 24.51 -7.46 -13.41
CA CYS A 127 23.58 -6.62 -14.16
C CYS A 127 22.33 -7.37 -14.66
N THR A 128 22.47 -8.67 -14.94
CA THR A 128 21.31 -9.46 -15.38
C THR A 128 20.36 -9.69 -14.20
N TRP A 129 20.91 -9.70 -12.99
CA TRP A 129 20.06 -9.79 -11.81
C TRP A 129 19.22 -8.53 -11.67
N VAL A 130 19.84 -7.37 -11.91
CA VAL A 130 19.12 -6.10 -12.00
C VAL A 130 17.97 -6.18 -12.99
N ASP A 131 18.24 -6.77 -14.16
CA ASP A 131 17.20 -7.06 -15.16
C ASP A 131 16.03 -7.83 -14.52
N GLN A 132 16.35 -8.86 -13.75
CA GLN A 132 15.30 -9.67 -13.14
C GLN A 132 14.41 -8.85 -12.18
N ILE A 133 15.02 -7.95 -11.43
CA ILE A 133 14.26 -7.10 -10.51
C ILE A 133 13.34 -6.16 -11.26
N ALA A 134 13.87 -5.56 -12.33
CA ALA A 134 13.09 -4.67 -13.18
C ALA A 134 11.91 -5.40 -13.81
N ALA A 135 12.13 -6.65 -14.20
CA ALA A 135 11.04 -7.46 -14.77
C ALA A 135 9.95 -7.78 -13.73
N LEU A 136 10.35 -7.97 -12.47
CA LEU A 136 9.40 -8.24 -11.39
C LEU A 136 8.62 -6.99 -11.02
N ASN A 137 9.28 -5.84 -11.09
CA ASN A 137 8.63 -4.57 -10.81
C ASN A 137 7.63 -4.16 -11.89
N ASP A 138 6.79 -3.17 -11.61
CA ASP A 138 5.91 -2.61 -12.65
C ASP A 138 6.74 -1.63 -13.49
N SER A 139 7.71 -2.17 -14.22
CA SER A 139 8.67 -1.35 -14.97
C SER A 139 8.02 -0.67 -16.17
N LYS A 140 8.41 0.58 -16.44
CA LYS A 140 7.80 1.33 -17.53
C LYS A 140 8.76 2.19 -18.34
N THR A 141 9.70 2.85 -17.66
CA THR A 141 10.57 3.82 -18.34
C THR A 141 12.06 3.44 -18.24
N ARG A 142 12.32 2.14 -18.12
CA ARG A 142 13.69 1.66 -18.00
C ARG A 142 14.50 1.75 -19.31
N LYS A 143 15.66 2.41 -19.23
CA LYS A 143 16.51 2.66 -20.39
C LYS A 143 17.78 1.80 -20.39
N THR A 144 18.55 1.87 -19.32
CA THR A 144 19.81 1.14 -19.26
C THR A 144 19.63 -0.26 -18.69
N THR A 145 19.98 -1.25 -19.51
CA THR A 145 19.86 -2.66 -19.13
C THR A 145 21.24 -3.32 -19.17
N SER A 146 21.28 -4.61 -18.87
CA SER A 146 22.54 -5.33 -18.89
C SER A 146 23.05 -5.45 -20.34
N GLU A 147 22.12 -5.39 -21.29
CA GLU A 147 22.47 -5.37 -22.71
C GLU A 147 23.18 -4.09 -23.06
N THR A 148 22.69 -2.98 -22.51
CA THR A 148 23.38 -1.70 -22.63
C THR A 148 24.82 -1.88 -22.16
N VAL A 149 24.98 -2.49 -20.99
CA VAL A 149 26.31 -2.75 -20.45
C VAL A 149 27.14 -3.62 -21.37
N ARG A 150 26.49 -4.54 -22.08
CA ARG A 150 27.20 -5.37 -23.05
C ARG A 150 27.63 -4.52 -24.24
N ALA A 151 28.12 -3.34 -23.94
CA ALA A 151 28.91 -2.52 -24.85
C ALA A 151 30.20 -2.34 -24.09
N VAL A 152 30.66 -3.41 -23.45
CA VAL A 152 31.95 -3.44 -22.79
C VAL A 152 32.98 -3.91 -23.83
N LEU A 153 33.80 -2.97 -24.28
CA LEU A 153 34.73 -3.20 -25.39
C LEU A 153 34.02 -3.81 -26.60
N SER A 196 -0.14 -15.29 14.74
CA SER A 196 -0.50 -15.97 13.49
C SER A 196 -1.69 -15.31 12.81
N ASN A 197 -2.82 -15.25 13.50
CA ASN A 197 -3.94 -14.45 13.03
C ASN A 197 -3.56 -12.99 13.18
N LYS A 198 -2.90 -12.68 14.29
CA LYS A 198 -2.35 -11.35 14.53
C LYS A 198 -1.28 -10.98 13.49
N GLU A 199 -0.49 -11.95 13.08
CA GLU A 199 0.55 -11.68 12.10
C GLU A 199 -0.08 -11.34 10.75
N PHE A 200 -1.11 -12.09 10.39
CA PHE A 200 -1.86 -11.80 9.19
C PHE A 200 -2.52 -10.41 9.25
N LEU A 201 -3.07 -10.05 10.41
CA LEU A 201 -3.73 -8.75 10.59
C LEU A 201 -2.77 -7.56 10.56
N LEU A 202 -1.55 -7.75 11.05
CA LEU A 202 -0.54 -6.70 11.02
C LEU A 202 -0.11 -6.43 9.58
N TYR A 203 0.18 -7.49 8.86
CA TYR A 203 0.55 -7.35 7.46
C TYR A 203 -0.61 -6.71 6.70
N LEU A 204 -1.81 -7.21 6.95
CA LEU A 204 -2.96 -6.79 6.17
C LEU A 204 -3.22 -5.31 6.42
N ALA A 205 -3.04 -4.86 7.65
CA ALA A 205 -3.22 -3.45 7.96
C ALA A 205 -2.25 -2.59 7.16
N GLY A 206 -1.02 -3.06 6.98
CA GLY A 206 -0.05 -2.37 6.15
C GLY A 206 -0.51 -2.27 4.71
N PHE A 207 -0.99 -3.38 4.17
CA PHE A 207 -1.44 -3.37 2.77
C PHE A 207 -2.69 -2.49 2.64
N VAL A 208 -3.51 -2.50 3.68
CA VAL A 208 -4.74 -1.73 3.63
C VAL A 208 -4.40 -0.25 3.71
N ASP A 209 -3.50 0.12 4.62
CA ASP A 209 -3.11 1.52 4.76
C ASP A 209 -2.52 2.05 3.45
N SER A 210 -1.91 1.17 2.66
CA SER A 210 -1.29 1.60 1.41
C SER A 210 -2.25 1.51 0.22
N ASP A 211 -2.74 0.31 -0.07
CA ASP A 211 -3.54 0.11 -1.27
C ASP A 211 -5.03 -0.17 -1.05
N GLY A 212 -5.49 -0.11 0.20
CA GLY A 212 -6.88 -0.42 0.53
C GLY A 212 -7.75 0.83 0.68
N SER A 213 -9.05 0.62 0.90
CA SER A 213 -10.01 1.72 0.97
C SER A 213 -11.16 1.42 1.92
N ILE A 214 -11.49 2.37 2.78
CA ILE A 214 -12.62 2.21 3.68
C ILE A 214 -13.66 3.24 3.30
N ILE A 215 -14.76 2.77 2.73
CA ILE A 215 -15.66 3.63 2.00
C ILE A 215 -17.06 3.68 2.60
N ALA A 216 -17.58 4.89 2.77
CA ALA A 216 -18.96 5.10 3.20
C ALA A 216 -19.73 5.90 2.15
N GLN A 217 -20.90 5.42 1.76
CA GLN A 217 -21.65 6.07 0.70
C GLN A 217 -23.13 6.28 1.01
N ILE A 218 -23.67 7.39 0.51
CA ILE A 218 -25.10 7.66 0.53
C ILE A 218 -25.60 7.61 -0.90
N LYS A 219 -26.37 6.57 -1.22
CA LYS A 219 -26.86 6.39 -2.58
C LYS A 219 -28.35 6.75 -2.76
N PRO A 220 -28.63 7.80 -3.56
CA PRO A 220 -30.01 8.25 -3.83
C PRO A 220 -30.89 7.12 -4.33
N ARG A 221 -32.09 7.00 -3.80
CA ARG A 221 -32.98 5.92 -4.19
C ARG A 221 -34.40 6.19 -3.72
N GLN A 222 -35.32 6.33 -4.68
CA GLN A 222 -36.69 6.70 -4.39
C GLN A 222 -37.39 5.78 -3.40
N SER A 223 -37.19 4.48 -3.56
CA SER A 223 -37.88 3.49 -2.74
C SER A 223 -37.54 3.57 -1.25
N ASN A 224 -36.36 4.07 -0.90
CA ASN A 224 -35.99 4.19 0.50
C ASN A 224 -36.86 5.21 1.25
N LYS A 225 -37.17 4.89 2.51
CA LYS A 225 -37.96 5.78 3.36
C LYS A 225 -37.43 7.20 3.31
N PHE A 226 -36.11 7.36 3.45
CA PHE A 226 -35.52 8.69 3.43
C PHE A 226 -34.83 8.97 2.10
N LYS A 227 -35.22 8.23 1.07
CA LYS A 227 -34.81 8.48 -0.32
C LYS A 227 -33.32 8.26 -0.54
N HIS A 228 -32.67 7.59 0.42
CA HIS A 228 -31.25 7.28 0.29
C HIS A 228 -30.91 5.95 0.93
N GLN A 229 -29.97 5.24 0.34
CA GLN A 229 -29.52 3.98 0.92
C GLN A 229 -28.08 4.13 1.39
N LEU A 230 -27.83 3.81 2.65
CA LEU A 230 -26.47 3.82 3.16
C LEU A 230 -25.70 2.60 2.65
N SER A 231 -24.43 2.81 2.34
CA SER A 231 -23.60 1.73 1.81
C SER A 231 -22.20 1.80 2.43
N LEU A 232 -21.71 0.66 2.91
CA LEU A 232 -20.36 0.56 3.50
C LEU A 232 -19.56 -0.49 2.74
N THR A 233 -18.29 -0.18 2.47
CA THR A 233 -17.45 -1.05 1.66
C THR A 233 -15.99 -1.03 2.16
N PHE A 234 -15.44 -2.23 2.36
CA PHE A 234 -14.00 -2.40 2.53
C PHE A 234 -13.44 -2.92 1.21
N ALA A 235 -12.41 -2.27 0.69
CA ALA A 235 -11.82 -2.65 -0.59
C ALA A 235 -10.30 -2.70 -0.58
N VAL A 236 -9.75 -3.65 -1.31
CA VAL A 236 -8.32 -3.67 -1.61
C VAL A 236 -8.15 -3.78 -3.14
N THR A 237 -7.42 -2.84 -3.73
CA THR A 237 -7.27 -2.80 -5.18
C THR A 237 -5.88 -3.32 -5.57
N GLN A 238 -5.79 -4.00 -6.70
CA GLN A 238 -4.51 -4.49 -7.20
C GLN A 238 -4.70 -4.83 -8.67
N LYS A 239 -3.69 -4.58 -9.51
CA LYS A 239 -3.83 -4.81 -10.94
C LYS A 239 -4.16 -6.30 -11.12
N THR A 240 -4.91 -6.63 -12.17
CA THR A 240 -5.44 -7.98 -12.33
C THR A 240 -4.34 -9.04 -12.48
N GLN A 241 -3.21 -8.64 -13.04
CA GLN A 241 -2.03 -9.49 -13.09
C GLN A 241 -1.76 -10.16 -11.73
N ARG A 242 -2.10 -9.46 -10.65
CA ARG A 242 -1.80 -9.93 -9.31
C ARG A 242 -3.06 -10.31 -8.52
N ARG A 243 -4.11 -10.78 -9.19
CA ARG A 243 -5.34 -11.03 -8.45
C ARG A 243 -5.26 -12.30 -7.63
N TRP A 244 -4.25 -13.14 -7.91
CA TRP A 244 -3.96 -14.30 -7.06
C TRP A 244 -3.84 -13.86 -5.59
N PHE A 245 -3.33 -12.65 -5.39
CA PHE A 245 -3.12 -12.09 -4.05
C PHE A 245 -4.44 -11.72 -3.40
N LEU A 246 -5.34 -11.16 -4.20
CA LEU A 246 -6.68 -10.83 -3.74
C LEU A 246 -7.52 -12.09 -3.52
N ASP A 247 -7.28 -13.13 -4.33
CA ASP A 247 -7.92 -14.43 -4.13
C ASP A 247 -7.53 -15.01 -2.76
N LYS A 248 -6.26 -14.88 -2.38
CA LYS A 248 -5.80 -15.29 -1.07
C LYS A 248 -6.60 -14.57 0.02
N LEU A 249 -6.86 -13.29 -0.21
CA LEU A 249 -7.57 -12.48 0.76
C LEU A 249 -8.92 -13.08 1.10
N VAL A 250 -9.67 -13.46 0.07
CA VAL A 250 -10.99 -14.06 0.24
C VAL A 250 -10.91 -15.33 1.11
N ASP A 251 -9.85 -16.11 0.93
CA ASP A 251 -9.66 -17.35 1.67
C ASP A 251 -9.32 -17.11 3.14
N GLU A 252 -8.35 -16.24 3.37
CA GLU A 252 -7.87 -15.99 4.71
C GLU A 252 -8.91 -15.24 5.53
N ILE A 253 -9.72 -14.43 4.85
CA ILE A 253 -10.77 -13.67 5.53
C ILE A 253 -12.06 -14.49 5.67
N GLY A 254 -12.36 -15.32 4.68
CA GLY A 254 -13.53 -16.16 4.74
C GLY A 254 -14.76 -15.57 4.05
N VAL A 255 -14.83 -14.24 3.99
CA VAL A 255 -15.94 -13.56 3.32
C VAL A 255 -15.43 -12.55 2.28
N GLY A 256 -16.33 -12.03 1.47
CA GLY A 256 -15.95 -11.07 0.45
C GLY A 256 -15.77 -11.67 -0.95
N TYR A 257 -15.52 -10.82 -1.93
CA TYR A 257 -15.38 -11.29 -3.31
C TYR A 257 -14.32 -10.51 -4.03
N VAL A 258 -13.77 -11.10 -5.09
CA VAL A 258 -12.86 -10.37 -5.97
C VAL A 258 -13.58 -10.03 -7.27
N TYR A 259 -13.51 -8.75 -7.67
CA TYR A 259 -14.12 -8.28 -8.90
C TYR A 259 -13.07 -7.70 -9.85
N ASP A 260 -13.32 -7.85 -11.16
CA ASP A 260 -12.41 -7.35 -12.20
C ASP A 260 -13.09 -6.30 -13.04
N SER A 261 -12.33 -5.26 -13.38
CA SER A 261 -12.76 -4.28 -14.38
C SER A 261 -11.53 -3.72 -15.07
N GLY A 262 -11.58 -3.68 -16.41
CA GLY A 262 -10.42 -3.27 -17.17
C GLY A 262 -9.26 -4.15 -16.77
N SER A 263 -8.19 -3.55 -16.30
CA SER A 263 -7.01 -4.31 -15.90
C SER A 263 -6.75 -4.21 -14.38
N VAL A 264 -7.77 -3.85 -13.60
CA VAL A 264 -7.62 -3.85 -12.15
C VAL A 264 -8.69 -4.70 -11.46
N SER A 265 -8.32 -5.22 -10.31
CA SER A 265 -9.23 -6.04 -9.52
C SER A 265 -9.34 -5.46 -8.12
N ASP A 266 -10.49 -5.68 -7.49
CA ASP A 266 -10.75 -5.29 -6.10
C ASP A 266 -11.13 -6.53 -5.33
N TYR A 267 -10.60 -6.66 -4.12
CA TYR A 267 -11.28 -7.45 -3.11
C TYR A 267 -12.27 -6.49 -2.48
N ARG A 268 -13.53 -6.91 -2.36
CA ARG A 268 -14.56 -6.09 -1.71
C ARG A 268 -15.30 -6.88 -0.63
N LEU A 269 -15.68 -6.17 0.44
CA LEU A 269 -16.54 -6.70 1.50
C LEU A 269 -17.53 -5.62 1.93
N SER A 270 -18.84 -5.91 1.81
CA SER A 270 -19.91 -4.92 2.01
C SER A 270 -21.00 -5.34 3.00
N GLU A 271 -21.12 -6.64 3.25
CA GLU A 271 -22.14 -7.13 4.16
C GLU A 271 -21.91 -6.57 5.56
N ILE A 272 -22.95 -6.01 6.15
CA ILE A 272 -22.84 -5.32 7.44
C ILE A 272 -22.22 -6.16 8.56
N LYS A 273 -22.67 -7.42 8.69
CA LYS A 273 -22.25 -8.26 9.82
C LYS A 273 -20.77 -8.65 9.72
N PRO A 274 -20.37 -9.30 8.60
CA PRO A 274 -18.95 -9.61 8.37
C PRO A 274 -18.06 -8.37 8.39
N LEU A 275 -18.56 -7.25 7.86
CA LEU A 275 -17.76 -6.02 7.82
C LEU A 275 -17.48 -5.51 9.22
N HIS A 276 -18.49 -5.55 10.09
CA HIS A 276 -18.32 -5.12 11.46
C HIS A 276 -17.28 -5.97 12.17
N ASN A 277 -17.43 -7.28 12.03
CA ASN A 277 -16.50 -8.23 12.63
C ASN A 277 -15.08 -8.05 12.12
N PHE A 278 -14.94 -7.95 10.79
CA PHE A 278 -13.64 -7.82 10.17
C PHE A 278 -12.92 -6.55 10.60
N LEU A 279 -13.61 -5.42 10.50
CA LEU A 279 -13.04 -4.13 10.86
C LEU A 279 -12.76 -4.01 12.37
N THR A 280 -13.51 -4.72 13.20
CA THR A 280 -13.20 -4.75 14.64
C THR A 280 -11.84 -5.39 14.87
N GLN A 281 -11.56 -6.47 14.14
CA GLN A 281 -10.27 -7.14 14.29
C GLN A 281 -9.15 -6.30 13.68
N LEU A 282 -9.43 -5.59 12.60
CA LEU A 282 -8.39 -4.92 11.85
C LEU A 282 -7.93 -3.59 12.46
N GLN A 283 -8.88 -2.79 12.95
CA GLN A 283 -8.59 -1.39 13.27
C GLN A 283 -7.50 -1.12 14.29
N PRO A 284 -7.28 -2.05 15.25
CA PRO A 284 -6.16 -1.80 16.18
C PRO A 284 -4.83 -1.60 15.47
N PHE A 285 -4.70 -2.16 14.27
CA PHE A 285 -3.40 -2.17 13.58
C PHE A 285 -3.28 -1.11 12.48
N LEU A 286 -4.37 -0.43 12.15
CA LEU A 286 -4.29 0.58 11.09
C LEU A 286 -3.64 1.85 11.63
N LYS A 287 -2.90 2.54 10.77
CA LYS A 287 -2.26 3.80 11.14
C LYS A 287 -2.76 4.97 10.34
N LEU A 288 -3.11 4.72 9.08
CA LEU A 288 -3.59 5.79 8.20
C LEU A 288 -5.10 5.82 8.12
N LYS A 289 -5.74 4.65 8.18
CA LYS A 289 -7.17 4.55 7.98
C LYS A 289 -7.94 4.07 9.23
N GLN A 290 -7.32 4.23 10.39
CA GLN A 290 -7.96 3.80 11.64
C GLN A 290 -9.23 4.60 11.94
N LYS A 291 -9.17 5.91 11.77
CA LYS A 291 -10.33 6.76 12.01
C LYS A 291 -11.51 6.40 11.09
N GLN A 292 -11.20 6.09 9.84
CA GLN A 292 -12.25 5.67 8.92
C GLN A 292 -12.90 4.39 9.42
N ALA A 293 -12.08 3.43 9.85
CA ALA A 293 -12.58 2.13 10.29
C ALA A 293 -13.52 2.26 11.49
N ASN A 294 -13.12 3.04 12.49
CA ASN A 294 -13.96 3.33 13.65
C ASN A 294 -15.27 4.03 13.29
N LEU A 295 -15.21 4.99 12.37
CA LEU A 295 -16.42 5.66 11.92
C LEU A 295 -17.38 4.66 11.27
N VAL A 296 -16.84 3.74 10.47
CA VAL A 296 -17.68 2.72 9.86
C VAL A 296 -18.32 1.80 10.92
N LEU A 297 -17.57 1.46 11.97
CA LEU A 297 -18.12 0.63 13.03
C LEU A 297 -19.24 1.36 13.78
N LYS A 298 -18.98 2.62 14.11
CA LYS A 298 -19.93 3.49 14.79
C LYS A 298 -21.20 3.69 13.98
N ILE A 299 -21.08 3.67 12.66
CA ILE A 299 -22.22 3.81 11.77
C ILE A 299 -23.05 2.53 11.79
N ILE A 300 -22.38 1.39 11.63
CA ILE A 300 -23.05 0.10 11.63
C ILE A 300 -23.88 -0.07 12.92
N GLU A 301 -23.26 0.23 14.06
CA GLU A 301 -23.94 0.11 15.35
C GLU A 301 -25.19 0.99 15.46
N GLN A 302 -25.22 2.08 14.70
CA GLN A 302 -26.35 3.00 14.75
C GLN A 302 -27.34 2.86 13.61
N LEU A 303 -27.16 1.83 12.78
CA LEU A 303 -28.08 1.58 11.67
C LEU A 303 -29.54 1.40 12.11
N PRO A 304 -29.78 0.54 13.12
CA PRO A 304 -31.14 0.41 13.68
C PRO A 304 -31.76 1.76 14.02
N SER A 305 -31.04 2.57 14.81
CA SER A 305 -31.50 3.90 15.21
C SER A 305 -31.68 4.84 14.03
N ALA A 306 -30.81 4.69 13.03
CA ALA A 306 -30.83 5.58 11.86
C ALA A 306 -32.04 5.35 10.98
N LYS A 307 -32.49 4.10 10.91
CA LYS A 307 -33.54 3.71 9.97
C LYS A 307 -34.94 4.02 10.49
N GLU A 308 -35.03 4.53 11.72
CA GLU A 308 -36.33 4.86 12.32
C GLU A 308 -36.58 6.37 12.43
N SER A 309 -35.51 7.14 12.60
CA SER A 309 -35.63 8.59 12.80
C SER A 309 -34.97 9.36 11.65
N PRO A 310 -35.54 10.52 11.28
CA PRO A 310 -35.00 11.32 10.15
C PRO A 310 -33.82 12.18 10.57
N ASP A 311 -33.77 12.54 11.86
CA ASP A 311 -32.72 13.40 12.38
C ASP A 311 -31.46 12.61 12.69
N LYS A 312 -31.65 11.34 13.05
CA LYS A 312 -30.56 10.43 13.31
C LYS A 312 -30.02 9.89 11.99
N PHE A 313 -30.88 9.81 10.98
CA PHE A 313 -30.43 9.37 9.68
C PHE A 313 -29.47 10.42 9.12
N LEU A 314 -29.87 11.67 9.23
CA LEU A 314 -29.03 12.78 8.80
C LEU A 314 -27.71 12.82 9.57
N GLU A 315 -27.80 12.66 10.89
CA GLU A 315 -26.61 12.67 11.74
C GLU A 315 -25.60 11.63 11.31
N VAL A 316 -26.09 10.46 10.91
CA VAL A 316 -25.23 9.38 10.46
C VAL A 316 -24.62 9.71 9.09
N CYS A 317 -25.36 10.46 8.27
CA CYS A 317 -24.84 10.93 7.00
C CYS A 317 -23.68 11.91 7.19
N THR A 318 -23.65 12.59 8.33
CA THR A 318 -22.56 13.51 8.60
C THR A 318 -21.31 12.74 9.04
N TRP A 319 -21.52 11.51 9.50
CA TRP A 319 -20.39 10.64 9.82
C TRP A 319 -19.79 10.12 8.52
N VAL A 320 -20.66 9.90 7.53
CA VAL A 320 -20.22 9.53 6.19
C VAL A 320 -19.34 10.63 5.60
N ASP A 321 -19.79 11.88 5.74
CA ASP A 321 -19.03 13.02 5.24
C ASP A 321 -17.62 12.99 5.83
N GLN A 322 -17.54 12.68 7.11
CA GLN A 322 -16.27 12.68 7.83
C GLN A 322 -15.30 11.65 7.28
N ILE A 323 -15.82 10.46 6.97
CA ILE A 323 -15.01 9.41 6.37
C ILE A 323 -14.46 9.88 5.02
N ALA A 324 -15.34 10.43 4.18
CA ALA A 324 -14.93 10.94 2.87
C ALA A 324 -13.89 12.05 3.02
N ALA A 325 -14.07 12.90 4.04
CA ALA A 325 -13.10 13.96 4.33
C ALA A 325 -11.71 13.41 4.69
N LEU A 326 -11.68 12.23 5.32
CA LEU A 326 -10.42 11.61 5.73
C LEU A 326 -9.77 10.90 4.55
N ASN A 327 -10.60 10.26 3.72
CA ASN A 327 -10.16 9.66 2.47
C ASN A 327 -9.59 10.71 1.50
N ASP A 328 -8.87 10.27 0.49
CA ASP A 328 -8.45 11.15 -0.61
C ASP A 328 -9.60 11.22 -1.61
N SER A 329 -10.73 11.80 -1.18
CA SER A 329 -11.95 11.81 -1.98
C SER A 329 -11.89 12.83 -3.12
N LYS A 330 -12.34 12.42 -4.31
CA LYS A 330 -12.20 13.23 -5.51
C LYS A 330 -13.48 13.38 -6.34
N THR A 331 -14.33 12.36 -6.35
CA THR A 331 -15.51 12.32 -7.23
C THR A 331 -16.83 12.13 -6.46
N ARG A 332 -16.88 12.60 -5.22
CA ARG A 332 -18.07 12.46 -4.38
C ARG A 332 -19.21 13.41 -4.83
N LYS A 333 -20.41 12.85 -4.99
CA LYS A 333 -21.57 13.64 -5.40
C LYS A 333 -22.58 13.84 -4.27
N THR A 334 -23.04 12.74 -3.69
CA THR A 334 -24.08 12.79 -2.65
C THR A 334 -23.49 12.90 -1.24
N THR A 335 -23.69 14.06 -0.62
CA THR A 335 -23.23 14.30 0.74
C THR A 335 -24.44 14.31 1.67
N SER A 336 -24.21 14.64 2.93
CA SER A 336 -25.33 14.72 3.88
C SER A 336 -26.14 15.98 3.60
N GLU A 337 -25.49 17.00 3.06
CA GLU A 337 -26.17 18.25 2.70
C GLU A 337 -27.24 17.97 1.66
N THR A 338 -26.93 17.05 0.75
CA THR A 338 -27.92 16.62 -0.24
C THR A 338 -29.12 16.01 0.47
N VAL A 339 -28.85 15.11 1.42
CA VAL A 339 -29.88 14.46 2.20
C VAL A 339 -30.70 15.50 2.98
N ARG A 340 -30.07 16.60 3.36
CA ARG A 340 -30.77 17.68 4.05
C ARG A 340 -31.90 18.28 3.18
N ALA A 341 -31.94 17.89 1.90
CA ALA A 341 -33.10 18.19 1.06
C ALA A 341 -34.21 17.20 1.38
N VAL A 342 -34.17 16.67 2.61
CA VAL A 342 -35.23 15.82 3.12
C VAL A 342 -36.27 16.75 3.73
N LEU A 343 -35.98 18.05 3.64
CA LEU A 343 -36.86 19.08 4.18
C LEU A 343 -38.12 19.22 3.33
N ASP A 344 -38.40 18.21 2.53
CA ASP A 344 -39.62 18.14 1.76
C ASP A 344 -40.41 16.94 2.26
N SER A 345 -39.80 15.77 2.07
CA SER A 345 -40.36 14.51 2.55
C SER A 345 -40.56 14.55 4.07
MN MN F . -1.47 4.47 -0.81
MN MN G . 0.46 -1.09 -4.94
MN MN H . -0.80 2.50 -4.00
C1 EOH I . -5.85 8.13 3.70
C2 EOH I . -6.07 8.34 5.20
O EOH I . -7.01 7.66 3.04
C1 EOH J . -12.88 -2.67 -9.66
C2 EOH J . -14.18 -3.28 -9.15
O EOH J . -12.12 -3.61 -10.37
C1 EOH K . -9.71 14.77 1.72
C2 EOH K . -8.53 14.75 0.73
O EOH K . -10.96 14.40 1.14
OH2 1PE L . -29.07 -15.41 -3.42
C12 1PE L . -29.09 -15.03 -2.03
C22 1PE L . -27.71 -15.19 -1.37
OH3 1PE L . -26.60 -14.41 -1.87
C13 1PE L . -25.05 -13.85 -3.64
C23 1PE L . -26.29 -14.67 -3.27
OH4 1PE L . -24.64 -14.05 -5.01
C14 1PE L . -25.06 -13.86 -7.31
C24 1PE L . -25.62 -13.58 -5.93
OH5 1PE L . -25.98 -13.34 -8.27
C15 1PE L . -26.75 -10.95 -8.62
C25 1PE L . -26.00 -11.98 -7.83
OH6 1PE L . -26.55 -9.77 -7.82
C16 1PE L . -26.37 -8.16 -9.67
C26 1PE L . -27.09 -8.57 -8.39
OH7 1PE L . -26.46 -9.20 -10.64
#